data_8E2Q
#
_entry.id   8E2Q
#
_cell.length_a   85.930
_cell.length_b   85.930
_cell.length_c   224.590
_cell.angle_alpha   90.000
_cell.angle_beta   90.000
_cell.angle_gamma   120.000
#
_symmetry.space_group_name_H-M   'P 31 2 1'
#
loop_
_entity.id
_entity.type
_entity.pdbx_description
1 polymer 'tRNA-specific adenosine deaminase 1.17'
2 polymer "DNA (5'-D(P*GP*CP*GP*GP*CP*TP*(D8A)P*CP*GP*GP*A)-3')"
3 non-polymer 'ZINC ION'
4 non-polymer GLYCEROL
5 water water
#
loop_
_entity_poly.entity_id
_entity_poly.type
_entity_poly.pdbx_seq_one_letter_code
_entity_poly.pdbx_strand_id
1 'polypeptide(L)'
;MSEVEFSHEYWMRHALALAKRARDEREVPVGAVLVLNNRVIGEGWNRGIGLHDPTAHAEIMALRQGGLVMQNYRLYDATL
YTTFEPCVMCAGAMIHSRIGRVVFGVRNAKTGAAGSLMDVLHHPGMNHRVEITEGILADECEALLCRFFRMPRRVFNAQK
KAQSSTD
;
A,B,C,D
2 'polydeoxyribonucleotide' (DG)(DC)(DT)(DC)(DG)(DG)(DC)(DT)(UEL)(DC)(DG)(DG)(DA) E,F,G,H
#
# COMPACT_ATOMS: atom_id res chain seq x y z
N VAL A 4 -9.53 7.61 8.35
CA VAL A 4 -10.53 8.57 7.91
C VAL A 4 -11.12 8.14 6.56
N GLU A 5 -10.32 8.23 5.50
CA GLU A 5 -10.80 7.93 4.15
C GLU A 5 -10.60 6.45 3.82
N PHE A 6 -9.35 6.03 3.70
CA PHE A 6 -9.04 4.68 3.25
C PHE A 6 -9.21 3.69 4.40
N SER A 7 -9.22 2.40 4.06
CA SER A 7 -9.28 1.39 5.08
C SER A 7 -7.89 0.91 5.47
N HIS A 8 -7.82 0.18 6.58
CA HIS A 8 -6.53 -0.30 7.08
C HIS A 8 -5.89 -1.30 6.13
N GLU A 9 -6.71 -2.15 5.51
CA GLU A 9 -6.19 -3.15 4.58
C GLU A 9 -5.66 -2.51 3.31
N TYR A 10 -6.23 -1.37 2.91
CA TYR A 10 -5.71 -0.65 1.75
C TYR A 10 -4.28 -0.21 1.96
N TRP A 11 -3.99 0.43 3.11
CA TRP A 11 -2.65 0.94 3.35
C TRP A 11 -1.68 -0.19 3.70
N MET A 12 -2.14 -1.20 4.43
CA MET A 12 -1.27 -2.32 4.76
C MET A 12 -0.83 -3.07 3.50
N ARG A 13 -1.66 -3.08 2.46
N ARG A 13 -1.68 -3.08 2.46
CA ARG A 13 -1.26 -3.69 1.21
CA ARG A 13 -1.27 -3.68 1.20
C ARG A 13 -0.11 -2.93 0.57
C ARG A 13 -0.09 -2.93 0.60
N HIS A 14 -0.04 -1.61 0.79
CA HIS A 14 1.10 -0.83 0.32
C HIS A 14 2.34 -1.13 1.15
N ALA A 15 2.17 -1.24 2.47
CA ALA A 15 3.30 -1.58 3.33
C ALA A 15 3.86 -2.96 3.04
N LEU A 16 3.01 -3.90 2.61
CA LEU A 16 3.51 -5.22 2.24
C LEU A 16 4.33 -5.16 0.96
N ALA A 17 3.99 -4.25 0.05
CA ALA A 17 4.79 -4.10 -1.16
C ALA A 17 6.20 -3.61 -0.83
N LEU A 18 6.31 -2.73 0.16
CA LEU A 18 7.63 -2.24 0.57
C LEU A 18 8.42 -3.30 1.30
N ALA A 19 7.73 -4.19 2.03
CA ALA A 19 8.43 -5.28 2.72
C ALA A 19 9.06 -6.24 1.73
N LYS A 20 8.46 -6.38 0.55
CA LYS A 20 9.07 -7.22 -0.48
C LYS A 20 10.33 -6.59 -1.03
N ARG A 21 10.45 -5.25 -0.98
CA ARG A 21 11.68 -4.60 -1.39
C ARG A 21 12.81 -4.92 -0.41
N ALA A 22 12.52 -4.89 0.90
CA ALA A 22 13.51 -5.32 1.88
C ALA A 22 13.87 -6.79 1.71
N ARG A 23 12.89 -7.61 1.32
CA ARG A 23 13.16 -9.02 1.08
C ARG A 23 14.09 -9.21 -0.11
N ASP A 24 13.89 -8.42 -1.17
CA ASP A 24 14.77 -8.50 -2.33
C ASP A 24 16.19 -8.08 -1.98
N GLU A 25 16.34 -7.19 -1.01
CA GLU A 25 17.64 -6.72 -0.56
C GLU A 25 18.24 -7.59 0.55
N ARG A 26 17.73 -8.81 0.70
CA ARG A 26 18.26 -9.79 1.66
C ARG A 26 18.18 -9.27 3.10
N GLU A 27 17.20 -8.44 3.38
CA GLU A 27 16.97 -7.90 4.70
C GLU A 27 15.74 -8.56 5.31
N VAL A 28 15.44 -8.19 6.55
CA VAL A 28 14.22 -8.63 7.21
C VAL A 28 13.04 -8.05 6.43
N PRO A 29 12.15 -8.88 5.91
CA PRO A 29 11.09 -8.36 5.04
C PRO A 29 10.03 -7.59 5.83
N VAL A 30 10.36 -6.36 6.23
CA VAL A 30 9.44 -5.50 6.95
C VAL A 30 9.32 -4.20 6.17
N GLY A 31 8.08 -3.75 5.95
CA GLY A 31 7.83 -2.50 5.26
C GLY A 31 6.91 -1.62 6.06
N ALA A 32 7.00 -0.32 5.79
CA ALA A 32 6.23 0.66 6.54
C ALA A 32 5.82 1.81 5.64
N VAL A 33 4.63 2.35 5.88
CA VAL A 33 4.13 3.51 5.15
C VAL A 33 3.50 4.47 6.15
N LEU A 34 3.90 5.73 6.09
CA LEU A 34 3.40 6.77 6.99
C LEU A 34 2.35 7.61 6.29
N VAL A 35 1.18 7.72 6.91
CA VAL A 35 0.02 8.37 6.31
C VAL A 35 -0.39 9.55 7.18
N LEU A 36 -0.59 10.71 6.56
CA LEU A 36 -1.08 11.89 7.26
C LEU A 36 -2.16 12.54 6.41
N ASN A 37 -3.37 12.63 6.97
CA ASN A 37 -4.54 13.14 6.25
C ASN A 37 -4.78 12.34 4.98
N ASN A 38 -4.66 11.02 5.09
CA ASN A 38 -4.93 10.08 4.00
C ASN A 38 -4.07 10.33 2.78
N ARG A 39 -2.86 10.83 3.00
CA ARG A 39 -1.85 11.00 1.97
C ARG A 39 -0.54 10.41 2.47
N VAL A 40 0.20 9.75 1.57
CA VAL A 40 1.47 9.14 1.94
C VAL A 40 2.53 10.23 2.05
N ILE A 41 3.13 10.35 3.23
CA ILE A 41 4.25 11.25 3.46
C ILE A 41 5.54 10.53 3.76
N GLY A 42 5.52 9.20 3.87
CA GLY A 42 6.73 8.45 4.16
C GLY A 42 6.62 6.96 3.87
N GLU A 43 7.68 6.40 3.28
CA GLU A 43 7.77 4.98 2.99
C GLU A 43 9.07 4.44 3.53
N GLY A 44 9.12 3.14 3.77
CA GLY A 44 10.33 2.55 4.29
C GLY A 44 10.29 1.04 4.33
N TRP A 45 11.48 0.46 4.31
CA TRP A 45 11.67 -0.97 4.54
C TRP A 45 13.02 -1.16 5.20
N ASN A 46 13.23 -2.34 5.78
CA ASN A 46 14.44 -2.63 6.52
C ASN A 46 15.67 -2.60 5.59
N ARG A 47 16.62 -1.72 5.91
CA ARG A 47 17.84 -1.60 5.10
C ARG A 47 19.09 -1.53 5.98
N GLY A 48 19.04 -2.10 7.17
CA GLY A 48 20.15 -1.94 8.11
C GLY A 48 21.42 -2.61 7.65
N ILE A 49 21.31 -3.78 7.02
CA ILE A 49 22.50 -4.51 6.59
C ILE A 49 23.18 -3.77 5.44
N GLY A 50 22.40 -3.26 4.49
CA GLY A 50 22.98 -2.59 3.34
C GLY A 50 23.51 -1.21 3.63
N LEU A 51 22.85 -0.48 4.51
CA LEU A 51 23.26 0.89 4.85
C LEU A 51 24.20 0.96 6.04
N HIS A 52 24.53 -0.18 6.67
CA HIS A 52 25.36 -0.20 7.88
C HIS A 52 24.77 0.72 8.94
N ASP A 53 23.45 0.67 9.07
CA ASP A 53 22.69 1.55 9.95
C ASP A 53 21.93 0.69 10.95
N PRO A 54 22.28 0.73 12.24
CA PRO A 54 21.52 -0.06 13.23
C PRO A 54 20.10 0.44 13.42
N THR A 55 19.77 1.63 12.93
CA THR A 55 18.44 2.21 13.08
C THR A 55 17.61 2.15 11.80
N ALA A 56 18.12 1.50 10.75
CA ALA A 56 17.42 1.54 9.47
C ALA A 56 16.27 0.54 9.42
N HIS A 57 15.44 0.54 10.45
CA HIS A 57 14.23 -0.25 10.43
C HIS A 57 13.20 0.42 9.52
N ALA A 58 12.16 -0.34 9.17
CA ALA A 58 11.15 0.17 8.24
C ALA A 58 10.47 1.41 8.80
N GLU A 59 10.13 1.39 10.08
CA GLU A 59 9.42 2.52 10.68
C GLU A 59 10.30 3.76 10.74
N ILE A 60 11.59 3.59 11.05
CA ILE A 60 12.49 4.73 11.17
C ILE A 60 12.71 5.38 9.81
N MET A 61 12.89 4.57 8.77
CA MET A 61 13.09 5.13 7.43
C MET A 61 11.82 5.83 6.93
N ALA A 62 10.65 5.31 7.29
CA ALA A 62 9.41 5.98 6.92
C ALA A 62 9.21 7.26 7.71
N LEU A 63 9.55 7.26 9.01
CA LEU A 63 9.40 8.46 9.81
C LEU A 63 10.37 9.54 9.38
N ARG A 64 11.62 9.15 9.08
N ARG A 64 11.60 9.16 9.05
CA ARG A 64 12.60 10.11 8.61
CA ARG A 64 12.60 10.14 8.62
C ARG A 64 12.13 10.79 7.33
C ARG A 64 12.19 10.79 7.30
N GLN A 65 11.61 10.01 6.39
CA GLN A 65 11.11 10.58 5.14
C GLN A 65 9.95 11.52 5.40
N GLY A 66 9.09 11.17 6.36
CA GLY A 66 7.98 12.04 6.70
C GLY A 66 8.43 13.37 7.26
N GLY A 67 9.51 13.36 8.05
CA GLY A 67 10.01 14.61 8.59
C GLY A 67 10.55 15.54 7.52
N LEU A 68 11.16 14.98 6.48
CA LEU A 68 11.64 15.80 5.37
C LEU A 68 10.48 16.36 4.56
N VAL A 69 9.47 15.53 4.28
CA VAL A 69 8.33 15.98 3.48
C VAL A 69 7.56 17.06 4.21
N MET A 70 7.41 16.93 5.53
CA MET A 70 6.70 17.93 6.32
C MET A 70 7.59 19.07 6.81
N GLN A 71 8.90 18.97 6.58
CA GLN A 71 9.87 20.00 7.08
C GLN A 71 9.60 20.25 8.57
N ASN A 72 9.47 19.17 9.36
CA ASN A 72 9.18 19.27 10.78
C ASN A 72 9.50 17.92 11.40
N TYR A 73 10.27 17.94 12.49
CA TYR A 73 10.60 16.70 13.19
C TYR A 73 9.45 16.20 14.05
N ARG A 74 8.37 16.96 14.17
CA ARG A 74 7.14 16.53 14.82
C ARG A 74 6.12 16.17 13.75
N LEU A 75 5.56 14.96 13.84
CA LEU A 75 4.59 14.48 12.84
C LEU A 75 3.25 14.16 13.48
N TYR A 76 2.59 15.18 14.03
CA TYR A 76 1.35 14.97 14.76
C TYR A 76 0.26 14.37 13.86
N ASP A 77 -0.63 13.61 14.50
CA ASP A 77 -1.87 13.08 13.90
C ASP A 77 -1.62 12.13 12.74
N ALA A 78 -0.39 11.67 12.54
CA ALA A 78 -0.12 10.71 11.48
C ALA A 78 -0.33 9.29 11.98
N THR A 79 -0.53 8.39 11.02
CA THR A 79 -0.71 6.97 11.31
C THR A 79 0.37 6.19 10.58
N LEU A 80 1.09 5.35 11.33
CA LEU A 80 2.17 4.55 10.79
C LEU A 80 1.70 3.11 10.58
N TYR A 81 1.85 2.61 9.36
CA TYR A 81 1.57 1.22 9.05
C TYR A 81 2.88 0.47 8.95
N THR A 82 2.96 -0.67 9.62
CA THR A 82 4.14 -1.53 9.53
C THR A 82 3.68 -2.97 9.57
N THR A 83 4.38 -3.83 8.84
CA THR A 83 3.97 -5.23 8.78
C THR A 83 4.35 -6.00 10.05
N PHE A 84 5.23 -5.45 10.87
CA PHE A 84 5.76 -6.11 12.05
C PHE A 84 5.57 -5.21 13.26
N GLU A 85 5.35 -5.83 14.41
CA GLU A 85 5.21 -5.09 15.66
C GLU A 85 6.47 -4.26 15.91
N PRO A 86 6.34 -2.98 16.29
CA PRO A 86 7.52 -2.13 16.45
C PRO A 86 8.42 -2.62 17.58
N CYS A 87 9.72 -2.44 17.41
CA CYS A 87 10.68 -2.73 18.46
C CYS A 87 10.71 -1.59 19.48
N VAL A 88 11.57 -1.73 20.48
CA VAL A 88 11.73 -0.67 21.47
C VAL A 88 12.26 0.60 20.82
N MET A 89 13.21 0.45 19.90
CA MET A 89 13.78 1.61 19.21
C MET A 89 12.73 2.32 18.37
N CYS A 90 11.95 1.56 17.60
CA CYS A 90 10.99 2.16 16.69
C CYS A 90 9.81 2.74 17.45
N ALA A 91 9.35 2.05 18.49
CA ALA A 91 8.23 2.59 19.28
C ALA A 91 8.62 3.89 19.95
N GLY A 92 9.86 3.98 20.45
CA GLY A 92 10.33 5.23 21.02
C GLY A 92 10.41 6.35 20.01
N ALA A 93 10.72 6.02 18.75
CA ALA A 93 10.74 7.05 17.72
C ALA A 93 9.36 7.59 17.45
N MET A 94 8.32 6.75 17.56
CA MET A 94 6.96 7.23 17.39
C MET A 94 6.56 8.18 18.50
N ILE A 95 7.10 7.98 19.70
CA ILE A 95 6.80 8.90 20.79
C ILE A 95 7.43 10.27 20.52
N HIS A 96 8.68 10.27 20.02
CA HIS A 96 9.33 11.53 19.73
C HIS A 96 8.72 12.23 18.52
N SER A 97 8.31 11.44 17.51
CA SER A 97 7.61 12.01 16.36
C SER A 97 6.18 12.40 16.67
N ARG A 98 5.63 11.93 17.80
CA ARG A 98 4.29 12.30 18.24
C ARG A 98 3.24 11.93 17.21
N ILE A 99 3.37 10.73 16.62
CA ILE A 99 2.39 10.24 15.68
C ILE A 99 1.12 9.89 16.44
N GLY A 100 0.02 9.70 15.72
CA GLY A 100 -1.25 9.46 16.37
C GLY A 100 -1.57 8.00 16.63
N ARG A 101 -1.20 7.14 15.69
N ARG A 101 -1.20 7.14 15.69
CA ARG A 101 -1.57 5.73 15.76
CA ARG A 101 -1.56 5.73 15.77
C ARG A 101 -0.54 4.90 15.01
C ARG A 101 -0.55 4.90 15.00
N VAL A 102 -0.29 3.70 15.51
CA VAL A 102 0.54 2.72 14.81
C VAL A 102 -0.34 1.52 14.50
N VAL A 103 -0.28 1.06 13.25
CA VAL A 103 -1.05 -0.09 12.78
C VAL A 103 -0.06 -1.13 12.30
N PHE A 104 0.02 -2.25 12.99
CA PHE A 104 0.89 -3.32 12.54
C PHE A 104 0.09 -4.60 12.29
N GLY A 105 0.67 -5.48 11.49
CA GLY A 105 0.03 -6.71 11.14
C GLY A 105 0.32 -7.82 12.13
N VAL A 106 1.46 -8.46 11.97
CA VAL A 106 1.83 -9.59 12.81
C VAL A 106 2.59 -9.08 14.03
N ARG A 107 2.55 -9.86 15.10
CA ARG A 107 3.16 -9.50 16.37
C ARG A 107 4.56 -10.08 16.48
N ASN A 108 5.40 -9.39 17.25
CA ASN A 108 6.72 -9.90 17.65
C ASN A 108 6.54 -10.42 19.08
N ALA A 109 6.14 -11.68 19.20
CA ALA A 109 5.85 -12.25 20.50
C ALA A 109 7.07 -12.31 21.41
N LYS A 110 8.28 -12.24 20.86
CA LYS A 110 9.49 -12.37 21.66
C LYS A 110 9.92 -11.03 22.25
N THR A 111 10.06 -9.99 21.42
CA THR A 111 10.62 -8.72 21.86
C THR A 111 9.75 -7.53 21.46
N GLY A 112 8.48 -7.77 21.13
CA GLY A 112 7.62 -6.68 20.71
C GLY A 112 7.43 -5.66 21.81
N ALA A 113 7.47 -4.38 21.43
CA ALA A 113 7.33 -3.27 22.37
C ALA A 113 6.01 -2.54 22.19
N ALA A 114 5.00 -3.19 21.62
CA ALA A 114 3.69 -2.60 21.44
C ALA A 114 2.61 -3.54 21.95
N GLY A 115 2.89 -4.26 23.03
CA GLY A 115 1.91 -5.15 23.62
C GLY A 115 2.46 -6.50 24.01
N SER A 116 3.51 -6.95 23.30
CA SER A 116 4.08 -8.27 23.54
C SER A 116 5.01 -8.28 24.74
N LEU A 117 6.29 -7.97 24.53
CA LEU A 117 7.22 -7.96 25.66
C LEU A 117 6.95 -6.78 26.58
N MET A 118 6.54 -5.65 26.03
CA MET A 118 6.20 -4.48 26.83
C MET A 118 5.31 -3.58 26.00
N ASP A 119 4.90 -2.45 26.59
CA ASP A 119 4.08 -1.46 25.91
C ASP A 119 4.66 -0.10 26.25
N VAL A 120 5.71 0.28 25.52
CA VAL A 120 6.33 1.58 25.75
C VAL A 120 5.45 2.70 25.21
N LEU A 121 4.54 2.39 24.29
CA LEU A 121 3.67 3.41 23.74
C LEU A 121 2.61 3.83 24.75
N HIS A 122 2.12 2.86 25.53
CA HIS A 122 1.16 3.12 26.59
C HIS A 122 1.78 3.11 27.98
N HIS A 123 3.06 3.40 28.07
CA HIS A 123 3.72 3.40 29.36
C HIS A 123 3.31 4.66 30.13
N PRO A 124 2.94 4.54 31.40
CA PRO A 124 2.65 5.74 32.19
C PRO A 124 3.94 6.50 32.47
N GLY A 125 3.85 7.83 32.39
CA GLY A 125 4.99 8.69 32.58
C GLY A 125 5.53 9.29 31.30
N MET A 126 5.17 8.72 30.15
CA MET A 126 5.60 9.25 28.87
C MET A 126 4.77 10.46 28.48
N ASN A 127 5.39 11.38 27.74
CA ASN A 127 4.71 12.60 27.35
C ASN A 127 3.62 12.37 26.33
N HIS A 128 3.70 11.26 25.58
CA HIS A 128 2.78 11.01 24.48
C HIS A 128 2.29 9.57 24.52
N ARG A 129 1.02 9.39 24.20
CA ARG A 129 0.40 8.07 24.07
C ARG A 129 0.08 7.85 22.59
N VAL A 130 0.54 6.73 22.05
CA VAL A 130 0.30 6.38 20.65
C VAL A 130 -0.68 5.20 20.62
N GLU A 131 -1.79 5.38 19.92
CA GLU A 131 -2.80 4.34 19.82
C GLU A 131 -2.30 3.18 18.96
N ILE A 132 -2.85 1.99 19.21
CA ILE A 132 -2.37 0.75 18.60
C ILE A 132 -3.53 0.03 17.93
N THR A 133 -3.31 -0.38 16.68
CA THR A 133 -4.21 -1.25 15.94
C THR A 133 -3.39 -2.40 15.37
N GLU A 134 -3.86 -3.63 15.55
CA GLU A 134 -3.08 -4.80 15.17
C GLU A 134 -3.92 -5.80 14.40
N GLY A 135 -3.24 -6.71 13.72
CA GLY A 135 -3.87 -7.80 13.02
C GLY A 135 -4.19 -7.54 11.57
N ILE A 136 -3.89 -6.36 11.06
CA ILE A 136 -4.23 -5.99 9.69
C ILE A 136 -3.35 -6.80 8.74
N LEU A 137 -3.97 -7.69 7.96
CA LEU A 137 -3.26 -8.54 7.00
C LEU A 137 -2.16 -9.35 7.69
N ALA A 138 -2.49 -9.90 8.86
CA ALA A 138 -1.48 -10.59 9.66
C ALA A 138 -0.93 -11.82 8.96
N ASP A 139 -1.76 -12.53 8.18
CA ASP A 139 -1.30 -13.75 7.55
C ASP A 139 -0.23 -13.49 6.49
N GLU A 140 -0.37 -12.37 5.77
CA GLU A 140 0.61 -12.06 4.72
C GLU A 140 1.88 -11.45 5.29
N CYS A 141 1.79 -10.75 6.43
CA CYS A 141 2.98 -10.20 7.06
C CYS A 141 3.80 -11.31 7.70
N GLU A 142 3.13 -12.30 8.29
CA GLU A 142 3.82 -13.41 8.95
C GLU A 142 4.48 -14.33 7.93
N ALA A 143 3.87 -14.50 6.76
CA ALA A 143 4.44 -15.39 5.75
C ALA A 143 5.79 -14.88 5.29
N LEU A 144 5.94 -13.56 5.17
CA LEU A 144 7.22 -12.99 4.74
C LEU A 144 8.31 -13.25 5.77
N LEU A 145 7.99 -13.03 7.05
CA LEU A 145 9.01 -13.20 8.09
C LEU A 145 9.29 -14.67 8.36
N CYS A 146 8.28 -15.53 8.26
CA CYS A 146 8.52 -16.95 8.47
C CYS A 146 9.45 -17.52 7.42
N ARG A 147 9.30 -17.08 6.17
CA ARG A 147 10.18 -17.54 5.12
C ARG A 147 11.59 -16.96 5.29
N PHE A 148 11.70 -15.73 5.80
CA PHE A 148 13.02 -15.17 6.06
C PHE A 148 13.70 -15.87 7.22
N PHE A 149 12.99 -16.02 8.34
CA PHE A 149 13.54 -16.66 9.53
C PHE A 149 13.57 -18.17 9.43
N ARG A 150 13.16 -18.74 8.28
CA ARG A 150 13.20 -20.18 8.05
C ARG A 150 12.43 -20.92 9.15
N MET A 151 11.18 -20.53 9.31
CA MET A 151 10.31 -21.05 10.35
C MET A 151 8.96 -21.45 9.76
N PRO A 152 8.34 -22.49 10.31
CA PRO A 152 7.00 -22.87 9.85
C PRO A 152 5.98 -21.84 10.26
N ARG A 153 4.93 -21.71 9.44
CA ARG A 153 3.90 -20.71 9.70
C ARG A 153 3.15 -21.00 10.99
N ARG A 154 2.92 -22.28 11.30
CA ARG A 154 2.16 -22.63 12.49
C ARG A 154 3.02 -22.67 13.75
N VAL A 155 4.17 -21.99 13.74
CA VAL A 155 5.00 -21.84 14.92
C VAL A 155 5.09 -20.38 15.35
N PHE A 156 5.16 -19.48 14.38
CA PHE A 156 5.19 -18.04 14.64
C PHE A 156 3.97 -17.63 15.46
N ASN A 157 4.21 -17.05 16.63
CA ASN A 157 3.16 -16.57 17.53
C ASN A 157 2.16 -17.67 17.87
N SER B 2 41.29 14.48 38.63
CA SER B 2 42.45 13.90 37.96
C SER B 2 42.04 13.06 36.76
N GLU B 3 41.62 13.72 35.69
CA GLU B 3 41.17 13.01 34.50
C GLU B 3 42.36 12.59 33.65
N VAL B 4 42.55 11.29 33.51
CA VAL B 4 43.61 10.74 32.68
C VAL B 4 43.08 10.59 31.25
N GLU B 5 44.00 10.57 30.29
CA GLU B 5 43.63 10.39 28.90
C GLU B 5 42.94 9.05 28.72
N PHE B 6 41.88 9.05 27.91
CA PHE B 6 41.08 7.88 27.57
C PHE B 6 40.30 7.34 28.76
N SER B 7 40.01 8.18 29.74
CA SER B 7 39.14 7.83 30.85
C SER B 7 37.71 8.27 30.52
N HIS B 8 36.76 7.89 31.39
CA HIS B 8 35.37 8.23 31.13
C HIS B 8 35.19 9.74 31.09
N GLU B 9 35.90 10.47 31.95
CA GLU B 9 35.80 11.92 31.92
C GLU B 9 36.49 12.50 30.69
N TYR B 10 37.55 11.86 30.22
CA TYR B 10 38.23 12.32 29.01
C TYR B 10 37.29 12.29 27.82
N TRP B 11 36.57 11.18 27.64
CA TRP B 11 35.65 11.07 26.52
C TRP B 11 34.39 11.88 26.76
N MET B 12 33.94 11.99 28.01
CA MET B 12 32.76 12.78 28.29
C MET B 12 32.98 14.25 27.95
N ARG B 13 34.23 14.73 28.07
CA ARG B 13 34.51 16.13 27.76
C ARG B 13 34.47 16.38 26.26
N HIS B 14 34.87 15.41 25.45
CA HIS B 14 34.61 15.52 24.01
C HIS B 14 33.12 15.49 23.73
N ALA B 15 32.39 14.61 24.43
CA ALA B 15 30.94 14.58 24.27
C ALA B 15 30.31 15.88 24.73
N LEU B 16 30.89 16.53 25.74
CA LEU B 16 30.39 17.83 26.17
C LEU B 16 30.72 18.90 25.13
N ALA B 17 31.86 18.76 24.44
CA ALA B 17 32.20 19.70 23.38
C ALA B 17 31.21 19.61 22.23
N LEU B 18 30.73 18.39 21.94
CA LEU B 18 29.72 18.21 20.91
C LEU B 18 28.36 18.72 21.35
N ALA B 19 28.07 18.66 22.65
CA ALA B 19 26.82 19.20 23.15
C ALA B 19 26.76 20.71 22.98
N LYS B 20 27.91 21.39 23.04
CA LYS B 20 27.95 22.82 22.80
C LYS B 20 27.63 23.14 21.35
N ARG B 21 27.92 22.20 20.44
CA ARG B 21 27.54 22.39 19.04
C ARG B 21 26.03 22.36 18.88
N ALA B 22 25.35 21.43 19.56
CA ALA B 22 23.90 21.41 19.54
C ALA B 22 23.34 22.67 20.18
N ARG B 23 24.01 23.20 21.21
CA ARG B 23 23.54 24.43 21.83
C ARG B 23 23.67 25.60 20.87
N ASP B 24 24.77 25.66 20.13
CA ASP B 24 24.94 26.72 19.14
C ASP B 24 23.92 26.60 18.02
N GLU B 25 23.47 25.38 17.73
CA GLU B 25 22.46 25.14 16.72
C GLU B 25 21.04 25.19 17.28
N ARG B 26 20.88 25.77 18.47
CA ARG B 26 19.57 25.96 19.10
C ARG B 26 18.83 24.65 19.32
N GLU B 27 19.57 23.58 19.55
CA GLU B 27 19.01 22.26 19.83
C GLU B 27 19.20 21.93 21.30
N VAL B 28 18.69 20.77 21.70
CA VAL B 28 18.91 20.26 23.04
C VAL B 28 20.40 20.00 23.18
N PRO B 29 21.08 20.63 24.15
CA PRO B 29 22.54 20.49 24.23
C PRO B 29 22.98 19.13 24.72
N VAL B 30 22.88 18.12 23.87
CA VAL B 30 23.30 16.76 24.20
C VAL B 30 24.31 16.31 23.15
N GLY B 31 25.42 15.75 23.62
CA GLY B 31 26.44 15.25 22.74
C GLY B 31 26.75 13.79 23.08
N ALA B 32 27.30 13.09 22.09
CA ALA B 32 27.55 11.67 22.25
C ALA B 32 28.83 11.29 21.52
N VAL B 33 29.56 10.35 22.10
CA VAL B 33 30.79 9.84 21.51
C VAL B 33 30.79 8.33 21.65
N LEU B 34 31.01 7.62 20.54
CA LEU B 34 31.07 6.17 20.53
C LEU B 34 32.53 5.75 20.46
N VAL B 35 32.96 4.95 21.43
CA VAL B 35 34.37 4.60 21.60
C VAL B 35 34.53 3.10 21.50
N LEU B 36 35.50 2.65 20.71
CA LEU B 36 35.82 1.24 20.58
C LEU B 36 37.33 1.09 20.66
N ASN B 37 37.80 0.37 21.68
CA ASN B 37 39.23 0.17 21.94
C ASN B 37 39.95 1.51 22.07
N ASN B 38 39.34 2.41 22.83
CA ASN B 38 39.89 3.75 23.09
C ASN B 38 40.07 4.54 21.79
N ARG B 39 39.21 4.29 20.81
CA ARG B 39 39.22 5.04 19.57
C ARG B 39 37.81 5.53 19.29
N VAL B 40 37.71 6.78 18.84
CA VAL B 40 36.42 7.35 18.48
C VAL B 40 36.04 6.82 17.10
N ILE B 41 34.91 6.12 17.02
CA ILE B 41 34.36 5.67 15.76
C ILE B 41 33.06 6.36 15.41
N GLY B 42 32.55 7.22 16.29
CA GLY B 42 31.33 7.94 16.03
C GLY B 42 31.13 9.10 16.97
N GLU B 43 30.68 10.23 16.42
CA GLU B 43 30.37 11.43 17.18
C GLU B 43 28.99 11.93 16.75
N GLY B 44 28.34 12.66 17.63
CA GLY B 44 27.01 13.16 17.30
C GLY B 44 26.49 14.11 18.34
N TRP B 45 25.55 14.95 17.89
CA TRP B 45 24.80 15.82 18.79
C TRP B 45 23.41 16.00 18.22
N ASN B 46 22.51 16.50 19.06
CA ASN B 46 21.11 16.62 18.68
C ASN B 46 20.95 17.61 17.54
N ARG B 47 20.39 17.14 16.43
CA ARG B 47 20.17 17.96 15.25
C ARG B 47 18.77 17.75 14.68
N GLY B 48 17.82 17.35 15.52
CA GLY B 48 16.51 16.97 15.02
C GLY B 48 15.74 18.13 14.43
N ILE B 49 15.85 19.31 15.03
CA ILE B 49 15.10 20.47 14.55
C ILE B 49 15.63 20.91 13.20
N GLY B 50 16.94 20.99 13.05
CA GLY B 50 17.51 21.47 11.81
C GLY B 50 17.42 20.47 10.68
N LEU B 51 17.57 19.18 11.01
CA LEU B 51 17.52 18.13 10.00
C LEU B 51 16.11 17.59 9.77
N HIS B 52 15.13 18.10 10.53
CA HIS B 52 13.75 17.61 10.44
C HIS B 52 13.68 16.10 10.63
N ASP B 53 14.46 15.61 11.58
CA ASP B 53 14.58 14.18 11.86
C ASP B 53 14.18 13.93 13.31
N PRO B 54 13.05 13.28 13.57
CA PRO B 54 12.67 13.00 14.97
C PRO B 54 13.60 12.04 15.66
N THR B 55 14.47 11.37 14.92
CA THR B 55 15.42 10.39 15.47
C THR B 55 16.84 10.93 15.57
N ALA B 56 17.06 12.21 15.25
CA ALA B 56 18.41 12.75 15.20
C ALA B 56 18.93 13.14 16.58
N HIS B 57 18.77 12.26 17.56
CA HIS B 57 19.36 12.47 18.88
C HIS B 57 20.87 12.26 18.81
N ALA B 58 21.57 12.71 19.85
CA ALA B 58 23.02 12.63 19.85
C ALA B 58 23.48 11.17 19.76
N GLU B 59 22.82 10.27 20.49
CA GLU B 59 23.23 8.88 20.48
C GLU B 59 23.01 8.24 19.13
N ILE B 60 21.92 8.61 18.43
CA ILE B 60 21.67 8.02 17.13
C ILE B 60 22.73 8.48 16.13
N MET B 61 23.01 9.79 16.10
N MET B 61 23.02 9.79 16.11
CA MET B 61 24.02 10.34 15.20
CA MET B 61 24.01 10.31 15.17
C MET B 61 25.36 9.65 15.36
C MET B 61 25.37 9.65 15.36
N ALA B 62 25.68 9.20 16.59
CA ALA B 62 26.94 8.51 16.82
C ALA B 62 26.87 7.05 16.37
N LEU B 63 25.72 6.39 16.60
CA LEU B 63 25.58 5.00 16.22
C LEU B 63 25.55 4.84 14.70
N ARG B 64 24.80 5.69 14.00
CA ARG B 64 24.79 5.64 12.55
C ARG B 64 26.19 5.87 12.00
N GLN B 65 26.91 6.84 12.55
CA GLN B 65 28.28 7.08 12.12
C GLN B 65 29.19 5.91 12.47
N GLY B 66 28.96 5.29 13.64
CA GLY B 66 29.76 4.14 14.01
C GLY B 66 29.55 2.97 13.08
N GLY B 67 28.30 2.77 12.63
CA GLY B 67 28.03 1.68 11.70
C GLY B 67 28.67 1.90 10.35
N LEU B 68 28.73 3.16 9.91
CA LEU B 68 29.40 3.45 8.64
C LEU B 68 30.89 3.26 8.77
N VAL B 69 31.48 3.73 9.88
CA VAL B 69 32.91 3.60 10.10
C VAL B 69 33.28 2.12 10.26
N MET B 70 32.42 1.34 10.90
CA MET B 70 32.67 -0.07 11.11
C MET B 70 32.21 -0.94 9.93
N GLN B 71 31.49 -0.36 8.98
CA GLN B 71 30.89 -1.11 7.87
C GLN B 71 30.12 -2.31 8.41
N ASN B 72 29.36 -2.08 9.47
CA ASN B 72 28.60 -3.12 10.14
C ASN B 72 27.58 -2.45 11.03
N TYR B 73 26.32 -2.84 10.92
CA TYR B 73 25.28 -2.27 11.77
C TYR B 73 25.30 -2.84 13.18
N ARG B 74 26.13 -3.85 13.45
CA ARG B 74 26.36 -4.35 14.79
C ARG B 74 27.67 -3.78 15.30
N LEU B 75 27.63 -3.14 16.47
CA LEU B 75 28.79 -2.46 17.03
C LEU B 75 29.18 -3.08 18.36
N TYR B 76 29.59 -4.35 18.33
CA TYR B 76 29.88 -5.08 19.56
C TYR B 76 31.00 -4.42 20.34
N ASP B 77 30.94 -4.56 21.66
CA ASP B 77 31.99 -4.16 22.60
C ASP B 77 32.28 -2.65 22.58
N ALA B 78 31.43 -1.84 21.96
CA ALA B 78 31.66 -0.41 21.98
C ALA B 78 31.03 0.22 23.21
N THR B 79 31.53 1.41 23.56
CA THR B 79 31.03 2.17 24.69
C THR B 79 30.54 3.53 24.18
N LEU B 80 29.30 3.87 24.50
CA LEU B 80 28.71 5.13 24.08
C LEU B 80 28.70 6.11 25.25
N TYR B 81 29.27 7.29 25.03
CA TYR B 81 29.23 8.37 25.99
C TYR B 81 28.18 9.37 25.54
N THR B 82 27.31 9.78 26.45
CA THR B 82 26.31 10.79 26.16
C THR B 82 26.14 11.68 27.37
N THR B 83 25.90 12.97 27.14
CA THR B 83 25.78 13.90 28.25
C THR B 83 24.44 13.77 28.97
N PHE B 84 23.46 13.13 28.35
CA PHE B 84 22.12 13.01 28.90
C PHE B 84 21.71 11.54 28.90
N GLU B 85 20.88 11.17 29.87
CA GLU B 85 20.36 9.81 29.92
C GLU B 85 19.58 9.50 28.65
N PRO B 86 19.82 8.35 28.02
CA PRO B 86 19.15 8.03 26.75
C PRO B 86 17.64 7.85 26.92
N CYS B 87 16.91 8.22 25.87
CA CYS B 87 15.48 7.96 25.80
C CYS B 87 15.22 6.52 25.38
N VAL B 88 13.94 6.19 25.24
CA VAL B 88 13.57 4.85 24.78
C VAL B 88 14.11 4.59 23.38
N MET B 89 14.06 5.62 22.52
CA MET B 89 14.55 5.46 21.15
C MET B 89 16.02 5.12 21.11
N CYS B 90 16.84 5.89 21.82
CA CYS B 90 18.29 5.69 21.76
C CYS B 90 18.69 4.42 22.50
N ALA B 91 18.06 4.15 23.64
CA ALA B 91 18.36 2.92 24.36
C ALA B 91 17.97 1.69 23.53
N GLY B 92 16.84 1.77 22.82
CA GLY B 92 16.48 0.68 21.94
C GLY B 92 17.44 0.51 20.79
N ALA B 93 17.98 1.62 20.27
CA ALA B 93 18.99 1.53 19.21
C ALA B 93 20.28 0.93 19.74
N MET B 94 20.61 1.21 21.00
CA MET B 94 21.81 0.68 21.61
C MET B 94 21.74 -0.84 21.73
N ILE B 95 20.54 -1.37 21.98
CA ILE B 95 20.37 -2.82 22.04
C ILE B 95 20.55 -3.45 20.67
N HIS B 96 20.03 -2.80 19.62
CA HIS B 96 20.15 -3.35 18.27
C HIS B 96 21.60 -3.32 17.77
N SER B 97 22.35 -2.27 18.11
CA SER B 97 23.77 -2.21 17.74
C SER B 97 24.63 -3.08 18.64
N ARG B 98 24.09 -3.54 19.77
CA ARG B 98 24.77 -4.48 20.66
C ARG B 98 26.09 -3.93 21.19
N ILE B 99 26.07 -2.66 21.59
CA ILE B 99 27.24 -2.03 22.20
C ILE B 99 27.44 -2.61 23.59
N GLY B 100 28.61 -2.37 24.18
CA GLY B 100 28.94 -2.98 25.45
C GLY B 100 28.50 -2.22 26.68
N ARG B 101 28.54 -0.88 26.61
CA ARG B 101 28.25 -0.06 27.77
C ARG B 101 27.80 1.31 27.30
N VAL B 102 26.94 1.94 28.10
CA VAL B 102 26.58 3.34 27.92
C VAL B 102 27.03 4.09 29.16
N VAL B 103 27.68 5.23 28.96
CA VAL B 103 28.12 6.10 30.02
C VAL B 103 27.45 7.44 29.81
N PHE B 104 26.55 7.83 30.71
CA PHE B 104 25.89 9.11 30.59
C PHE B 104 26.16 9.96 31.83
N GLY B 105 25.98 11.27 31.66
CA GLY B 105 26.25 12.18 32.75
C GLY B 105 25.05 12.42 33.64
N VAL B 106 24.20 13.34 33.27
CA VAL B 106 23.06 13.70 34.10
C VAL B 106 21.85 12.86 33.69
N ARG B 107 20.92 12.71 34.64
CA ARG B 107 19.74 11.87 34.46
C ARG B 107 18.54 12.67 34.00
N ASN B 108 17.66 11.98 33.27
CA ASN B 108 16.34 12.50 32.92
C ASN B 108 15.34 11.85 33.88
N ALA B 109 15.13 12.49 35.02
CA ALA B 109 14.28 11.92 36.06
C ALA B 109 12.84 11.72 35.59
N LYS B 110 12.44 12.39 34.52
CA LYS B 110 11.06 12.30 34.06
C LYS B 110 10.83 11.10 33.14
N THR B 111 11.65 10.97 32.08
CA THR B 111 11.41 9.96 31.06
C THR B 111 12.65 9.13 30.73
N GLY B 112 13.65 9.13 31.60
CA GLY B 112 14.87 8.39 31.31
C GLY B 112 14.58 6.89 31.19
N ALA B 113 15.21 6.26 30.21
CA ALA B 113 15.01 4.85 29.94
C ALA B 113 16.24 4.01 30.28
N ALA B 114 17.09 4.51 31.17
CA ALA B 114 18.27 3.79 31.63
C ALA B 114 18.34 3.80 33.15
N GLY B 115 17.17 3.76 33.80
CA GLY B 115 17.14 3.73 35.24
C GLY B 115 16.10 4.65 35.84
N SER B 116 15.78 5.74 35.13
CA SER B 116 14.87 6.74 35.67
C SER B 116 13.37 6.49 35.63
N LEU B 117 12.79 6.46 34.42
CA LEU B 117 11.38 6.11 34.31
C LEU B 117 11.32 4.61 34.11
N MET B 118 12.31 4.03 33.44
CA MET B 118 12.34 2.60 33.19
C MET B 118 13.79 2.21 32.88
N ASP B 119 13.99 0.91 32.67
CA ASP B 119 15.32 0.37 32.33
C ASP B 119 15.13 -0.65 31.22
N VAL B 120 15.02 -0.17 29.98
CA VAL B 120 14.86 -1.08 28.85
C VAL B 120 16.15 -1.80 28.53
N LEU B 121 17.29 -1.26 28.95
CA LEU B 121 18.56 -1.92 28.66
C LEU B 121 18.73 -3.17 29.48
N HIS B 122 18.24 -3.17 30.71
CA HIS B 122 18.31 -4.39 31.56
C HIS B 122 16.92 -5.00 31.70
N HIS B 123 16.08 -4.87 30.68
CA HIS B 123 14.77 -5.51 30.71
C HIS B 123 14.91 -7.01 30.47
N PRO B 124 14.20 -7.83 31.25
CA PRO B 124 14.25 -9.28 31.02
C PRO B 124 13.55 -9.65 29.73
N GLY B 125 14.16 -10.56 28.97
CA GLY B 125 13.62 -10.99 27.70
C GLY B 125 14.31 -10.39 26.50
N MET B 126 15.09 -9.34 26.69
CA MET B 126 15.75 -8.66 25.59
C MET B 126 16.95 -9.45 25.08
N ASN B 127 17.26 -9.25 23.81
CA ASN B 127 18.30 -10.02 23.16
C ASN B 127 19.69 -9.66 23.67
N HIS B 128 19.85 -8.48 24.23
CA HIS B 128 21.18 -8.05 24.69
C HIS B 128 21.07 -7.10 25.85
N ARG B 129 22.00 -7.21 26.75
CA ARG B 129 22.08 -6.38 27.94
C ARG B 129 23.23 -5.39 27.79
N VAL B 130 22.94 -4.11 27.99
CA VAL B 130 23.92 -3.03 27.88
C VAL B 130 24.21 -2.50 29.28
N GLU B 131 25.47 -2.54 29.69
CA GLU B 131 25.86 -2.05 31.01
C GLU B 131 25.77 -0.53 31.08
N ILE B 132 25.57 -0.02 32.29
CA ILE B 132 25.26 1.40 32.52
C ILE B 132 26.27 1.99 33.50
N THR B 133 26.82 3.15 33.14
CA THR B 133 27.65 3.96 34.03
C THR B 133 27.11 5.38 33.97
N GLU B 134 26.89 5.98 35.13
CA GLU B 134 26.25 7.29 35.20
C GLU B 134 27.00 8.23 36.13
N GLY B 135 26.71 9.52 35.98
CA GLY B 135 27.24 10.53 36.86
C GLY B 135 28.53 11.17 36.43
N ILE B 136 29.11 10.74 35.32
CA ILE B 136 30.39 11.26 34.86
C ILE B 136 30.19 12.69 34.39
N LEU B 137 30.81 13.64 35.11
CA LEU B 137 30.70 15.07 34.82
C LEU B 137 29.25 15.51 34.79
N ALA B 138 28.46 15.03 35.76
CA ALA B 138 27.05 15.33 35.77
C ALA B 138 26.79 16.82 35.99
N ASP B 139 27.64 17.49 36.76
CA ASP B 139 27.43 18.91 37.03
C ASP B 139 27.60 19.73 35.77
N GLU B 140 28.53 19.32 34.90
CA GLU B 140 28.77 20.04 33.66
C GLU B 140 27.75 19.69 32.59
N CYS B 141 27.23 18.46 32.61
CA CYS B 141 26.18 18.09 31.67
C CYS B 141 24.85 18.72 32.07
N GLU B 142 24.59 18.81 33.38
CA GLU B 142 23.36 19.40 33.87
C GLU B 142 23.33 20.91 33.64
N ALA B 143 24.48 21.58 33.74
CA ALA B 143 24.52 23.03 33.55
C ALA B 143 24.11 23.42 32.14
N LEU B 144 24.51 22.62 31.14
CA LEU B 144 24.15 22.93 29.76
C LEU B 144 22.65 22.80 29.54
N LEU B 145 22.04 21.74 30.04
CA LEU B 145 20.62 21.52 29.82
C LEU B 145 19.77 22.46 30.67
N CYS B 146 20.23 22.82 31.86
CA CYS B 146 19.46 23.72 32.72
C CYS B 146 19.34 25.10 32.08
N ARG B 147 20.41 25.58 31.44
CA ARG B 147 20.34 26.86 30.74
C ARG B 147 19.45 26.77 29.51
N PHE B 148 19.43 25.62 28.84
CA PHE B 148 18.54 25.44 27.68
C PHE B 148 17.09 25.41 28.10
N PHE B 149 16.76 24.59 29.09
CA PHE B 149 15.39 24.47 29.58
C PHE B 149 14.99 25.62 30.49
N ARG B 150 15.85 26.62 30.67
CA ARG B 150 15.57 27.81 31.49
C ARG B 150 15.21 27.42 32.91
N MET B 151 16.10 26.66 33.54
CA MET B 151 15.83 26.13 34.87
C MET B 151 17.06 26.32 35.75
N PRO B 152 16.88 26.61 37.03
CA PRO B 152 18.03 26.65 37.94
C PRO B 152 18.58 25.25 38.17
N ARG B 153 19.88 25.17 38.44
CA ARG B 153 20.48 23.86 38.59
C ARG B 153 19.95 23.14 39.81
N ARG B 154 19.57 23.87 40.86
CA ARG B 154 19.16 23.23 42.11
C ARG B 154 17.76 22.64 42.05
N VAL B 155 17.11 22.64 40.90
CA VAL B 155 15.83 21.98 40.73
C VAL B 155 15.92 20.79 39.80
N PHE B 156 16.94 20.71 38.95
CA PHE B 156 17.15 19.56 38.11
C PHE B 156 17.55 18.37 38.97
N ASN B 157 16.70 17.35 38.99
CA ASN B 157 16.92 16.14 39.79
C ASN B 157 17.19 16.49 41.25
N ALA B 158 16.25 17.25 41.84
CA ALA B 158 16.42 17.68 43.22
C ALA B 158 16.29 16.52 44.20
N GLN B 159 15.54 15.48 43.82
CA GLN B 159 15.37 14.33 44.72
C GLN B 159 16.64 13.50 44.86
N LYS B 160 17.54 13.55 43.88
CA LYS B 160 18.82 12.86 43.99
C LYS B 160 19.86 13.66 44.76
N LYS B 161 19.61 14.95 44.99
CA LYS B 161 20.56 15.80 45.70
C LYS B 161 20.20 15.88 47.19
N VAL C 4 -19.22 17.55 3.72
CA VAL C 4 -19.84 16.70 4.72
C VAL C 4 -19.19 15.32 4.69
N GLU C 5 -18.72 14.85 5.85
CA GLU C 5 -18.00 13.59 5.92
C GLU C 5 -18.88 12.43 5.53
N PHE C 6 -18.33 11.51 4.72
CA PHE C 6 -18.98 10.28 4.28
C PHE C 6 -20.24 10.56 3.45
N SER C 7 -20.32 11.72 2.81
CA SER C 7 -21.42 12.07 1.93
C SER C 7 -21.07 11.75 0.47
N HIS C 8 -22.08 11.85 -0.40
CA HIS C 8 -21.85 11.56 -1.81
C HIS C 8 -20.87 12.55 -2.42
N GLU C 9 -20.96 13.82 -2.01
CA GLU C 9 -20.03 14.83 -2.49
C GLU C 9 -18.63 14.63 -1.91
N TYR C 10 -18.55 14.08 -0.70
CA TYR C 10 -17.27 13.81 -0.05
C TYR C 10 -16.43 12.86 -0.89
N TRP C 11 -17.02 11.75 -1.32
CA TRP C 11 -16.28 10.76 -2.11
C TRP C 11 -16.06 11.21 -3.54
N MET C 12 -17.01 11.96 -4.12
CA MET C 12 -16.84 12.44 -5.48
C MET C 12 -15.64 13.39 -5.58
N ARG C 13 -15.34 14.11 -4.49
CA ARG C 13 -14.18 14.99 -4.50
C ARG C 13 -12.88 14.20 -4.69
N HIS C 14 -12.77 13.05 -4.03
CA HIS C 14 -11.59 12.20 -4.25
C HIS C 14 -11.56 11.66 -5.67
N ALA C 15 -12.72 11.26 -6.20
CA ALA C 15 -12.79 10.78 -7.58
C ALA C 15 -12.38 11.87 -8.55
N LEU C 16 -12.63 13.13 -8.20
CA LEU C 16 -12.19 14.24 -9.05
C LEU C 16 -10.68 14.40 -9.03
N ALA C 17 -10.03 14.13 -7.89
CA ALA C 17 -8.57 14.21 -7.82
C ALA C 17 -7.94 13.14 -8.70
N LEU C 18 -8.54 11.95 -8.75
CA LEU C 18 -8.02 10.90 -9.61
C LEU C 18 -8.26 11.20 -11.08
N ALA C 19 -9.33 11.95 -11.39
CA ALA C 19 -9.56 12.34 -12.78
C ALA C 19 -8.49 13.32 -13.27
N LYS C 20 -7.97 14.17 -12.37
CA LYS C 20 -6.88 15.04 -12.75
C LYS C 20 -5.59 14.27 -12.98
N ARG C 21 -5.43 13.13 -12.30
CA ARG C 21 -4.29 12.26 -12.58
C ARG C 21 -4.42 11.65 -13.97
N ALA C 22 -5.63 11.24 -14.34
CA ALA C 22 -5.87 10.76 -15.70
C ALA C 22 -5.62 11.88 -16.71
N ARG C 23 -5.97 13.11 -16.35
CA ARG C 23 -5.69 14.23 -17.24
C ARG C 23 -4.18 14.48 -17.34
N ASP C 24 -3.45 14.37 -16.23
CA ASP C 24 -2.01 14.57 -16.27
C ASP C 24 -1.33 13.52 -17.13
N GLU C 25 -1.88 12.31 -17.19
CA GLU C 25 -1.33 11.24 -17.99
C GLU C 25 -1.90 11.25 -19.41
N ARG C 26 -2.49 12.36 -19.84
CA ARG C 26 -3.01 12.53 -21.20
C ARG C 26 -4.08 11.49 -21.54
N GLU C 27 -4.83 11.05 -20.54
CA GLU C 27 -5.92 10.11 -20.74
C GLU C 27 -7.25 10.84 -20.59
N VAL C 28 -8.33 10.10 -20.82
CA VAL C 28 -9.68 10.65 -20.61
C VAL C 28 -9.81 10.95 -19.13
N PRO C 29 -10.08 12.18 -18.74
CA PRO C 29 -10.06 12.54 -17.32
C PRO C 29 -11.23 11.97 -16.52
N VAL C 30 -11.18 10.68 -16.21
CA VAL C 30 -12.19 10.01 -15.41
C VAL C 30 -11.50 9.32 -14.24
N GLY C 31 -12.04 9.53 -13.03
CA GLY C 31 -11.52 8.88 -11.84
C GLY C 31 -12.62 8.17 -11.10
N ALA C 32 -12.23 7.18 -10.30
CA ALA C 32 -13.19 6.34 -9.61
C ALA C 32 -12.64 5.90 -8.26
N VAL C 33 -13.54 5.78 -7.29
CA VAL C 33 -13.21 5.34 -5.94
C VAL C 33 -14.28 4.36 -5.46
N LEU C 34 -13.85 3.20 -4.94
CA LEU C 34 -14.74 2.18 -4.42
C LEU C 34 -14.78 2.26 -2.90
N VAL C 35 -15.99 2.37 -2.34
CA VAL C 35 -16.19 2.64 -0.92
C VAL C 35 -16.98 1.49 -0.30
N LEU C 36 -16.52 0.99 0.85
CA LEU C 36 -17.23 -0.02 1.63
C LEU C 36 -17.16 0.36 3.09
N ASN C 37 -18.33 0.58 3.70
CA ASN C 37 -18.43 0.99 5.11
C ASN C 37 -17.66 2.27 5.39
N ASN C 38 -17.83 3.25 4.49
CA ASN C 38 -17.22 4.57 4.60
C ASN C 38 -15.69 4.52 4.60
N ARG C 39 -15.13 3.51 3.94
CA ARG C 39 -13.68 3.40 3.78
C ARG C 39 -13.36 3.12 2.33
N VAL C 40 -12.28 3.72 1.85
CA VAL C 40 -11.83 3.46 0.48
C VAL C 40 -11.16 2.09 0.45
N ILE C 41 -11.68 1.20 -0.39
CA ILE C 41 -11.07 -0.10 -0.62
C ILE C 41 -10.52 -0.23 -2.03
N GLY C 42 -10.74 0.76 -2.89
CA GLY C 42 -10.23 0.73 -4.24
C GLY C 42 -10.32 2.09 -4.90
N GLU C 43 -9.26 2.48 -5.61
CA GLU C 43 -9.24 3.74 -6.35
C GLU C 43 -8.69 3.46 -7.74
N GLY C 44 -9.00 4.35 -8.69
CA GLY C 44 -8.57 4.14 -10.05
C GLY C 44 -8.85 5.34 -10.93
N TRP C 45 -8.10 5.41 -12.03
CA TRP C 45 -8.34 6.41 -13.06
C TRP C 45 -7.96 5.82 -14.41
N ASN C 46 -8.37 6.50 -15.48
CA ASN C 46 -8.16 6.02 -16.83
C ASN C 46 -6.68 5.94 -17.16
N ARG C 47 -6.19 4.74 -17.50
CA ARG C 47 -4.79 4.54 -17.82
C ARG C 47 -4.62 3.67 -19.07
N GLY C 48 -5.60 3.66 -19.97
CA GLY C 48 -5.57 2.72 -21.07
C GLY C 48 -4.43 2.95 -22.04
N ILE C 49 -4.09 4.21 -22.30
CA ILE C 49 -3.03 4.51 -23.26
C ILE C 49 -1.68 4.09 -22.70
N GLY C 50 -1.42 4.41 -21.44
CA GLY C 50 -0.11 4.12 -20.86
C GLY C 50 0.08 2.65 -20.56
N LEU C 51 -0.98 1.97 -20.14
CA LEU C 51 -0.91 0.55 -19.81
C LEU C 51 -1.17 -0.35 -21.00
N HIS C 52 -1.50 0.22 -22.16
CA HIS C 52 -1.87 -0.56 -23.34
C HIS C 52 -2.99 -1.54 -23.02
N ASP C 53 -3.95 -1.07 -22.24
CA ASP C 53 -5.02 -1.91 -21.73
C ASP C 53 -6.37 -1.38 -22.20
N PRO C 54 -7.09 -2.10 -23.07
CA PRO C 54 -8.41 -1.62 -23.53
C PRO C 54 -9.45 -1.57 -22.42
N THR C 55 -9.19 -2.20 -21.28
CA THR C 55 -10.14 -2.24 -20.18
C THR C 55 -9.76 -1.32 -19.03
N ALA C 56 -8.69 -0.52 -19.18
CA ALA C 56 -8.18 0.26 -18.07
C ALA C 56 -8.97 1.54 -17.86
N HIS C 57 -10.30 1.42 -17.81
CA HIS C 57 -11.15 2.53 -17.47
C HIS C 57 -11.07 2.80 -15.96
N ALA C 58 -11.56 3.96 -15.54
CA ALA C 58 -11.44 4.34 -14.14
C ALA C 58 -12.17 3.37 -13.23
N GLU C 59 -13.38 2.96 -13.62
CA GLU C 59 -14.18 2.07 -12.78
C GLU C 59 -13.54 0.68 -12.68
N ILE C 60 -12.98 0.19 -13.78
CA ILE C 60 -12.37 -1.13 -13.77
C ILE C 60 -11.12 -1.16 -12.88
N MET C 61 -10.33 -0.08 -12.92
N MET C 61 -10.33 -0.08 -12.92
CA MET C 61 -9.15 -0.01 -12.07
CA MET C 61 -9.14 -0.02 -12.07
C MET C 61 -9.51 -0.04 -10.60
C MET C 61 -9.50 -0.03 -10.60
N ALA C 62 -10.63 0.58 -10.23
CA ALA C 62 -11.05 0.61 -8.83
C ALA C 62 -11.65 -0.73 -8.40
N LEU C 63 -12.42 -1.36 -9.28
CA LEU C 63 -13.02 -2.65 -8.93
C LEU C 63 -11.97 -3.75 -8.83
N ARG C 64 -10.94 -3.71 -9.68
CA ARG C 64 -9.90 -4.71 -9.61
C ARG C 64 -9.00 -4.49 -8.40
N GLN C 65 -8.76 -3.23 -8.03
CA GLN C 65 -8.01 -2.95 -6.81
C GLN C 65 -8.83 -3.32 -5.58
N GLY C 66 -10.15 -3.11 -5.63
CA GLY C 66 -10.99 -3.50 -4.52
C GLY C 66 -10.98 -5.00 -4.28
N GLY C 67 -10.90 -5.78 -5.36
CA GLY C 67 -10.83 -7.22 -5.22
C GLY C 67 -9.56 -7.68 -4.53
N LEU C 68 -8.43 -6.99 -4.79
CA LEU C 68 -7.19 -7.33 -4.10
C LEU C 68 -7.26 -6.94 -2.63
N VAL C 69 -7.77 -5.74 -2.34
CA VAL C 69 -7.83 -5.26 -0.96
C VAL C 69 -8.74 -6.16 -0.13
N MET C 70 -9.85 -6.61 -0.70
CA MET C 70 -10.75 -7.52 -0.01
C MET C 70 -10.42 -8.99 -0.23
N GLN C 71 -9.50 -9.30 -1.15
CA GLN C 71 -9.20 -10.68 -1.53
C GLN C 71 -10.49 -11.43 -1.85
N ASN C 72 -11.33 -10.79 -2.66
CA ASN C 72 -12.63 -11.34 -3.01
C ASN C 72 -13.10 -10.65 -4.29
N TYR C 73 -13.49 -11.45 -5.28
CA TYR C 73 -13.99 -10.91 -6.54
C TYR C 73 -15.44 -10.46 -6.46
N ARG C 74 -16.15 -10.75 -5.37
CA ARG C 74 -17.48 -10.20 -5.12
C ARG C 74 -17.35 -9.08 -4.11
N LEU C 75 -17.88 -7.91 -4.47
CA LEU C 75 -17.76 -6.73 -3.61
C LEU C 75 -19.13 -6.23 -3.18
N TYR C 76 -19.85 -7.06 -2.42
CA TYR C 76 -21.22 -6.75 -2.03
C TYR C 76 -21.29 -5.48 -1.20
N ASP C 77 -22.42 -4.79 -1.29
CA ASP C 77 -22.77 -3.63 -0.48
C ASP C 77 -21.81 -2.46 -0.66
N ALA C 78 -20.96 -2.50 -1.68
CA ALA C 78 -20.05 -1.40 -1.94
C ALA C 78 -20.73 -0.38 -2.85
N THR C 79 -20.21 0.85 -2.80
CA THR C 79 -20.68 1.94 -3.64
C THR C 79 -19.51 2.43 -4.48
N LEU C 80 -19.70 2.44 -5.80
CA LEU C 80 -18.66 2.87 -6.73
C LEU C 80 -18.96 4.29 -7.18
N TYR C 81 -18.01 5.18 -6.99
CA TYR C 81 -18.10 6.56 -7.46
C TYR C 81 -17.24 6.72 -8.70
N THR C 82 -17.80 7.36 -9.72
CA THR C 82 -17.07 7.65 -10.95
C THR C 82 -17.52 9.01 -11.47
N THR C 83 -16.58 9.75 -12.07
CA THR C 83 -16.91 11.08 -12.56
C THR C 83 -17.72 11.05 -13.86
N PHE C 84 -17.74 9.92 -14.56
CA PHE C 84 -18.40 9.80 -15.85
C PHE C 84 -19.37 8.64 -15.79
N GLU C 85 -20.47 8.78 -16.52
CA GLU C 85 -21.45 7.70 -16.61
C GLU C 85 -20.76 6.44 -17.14
N PRO C 86 -20.98 5.28 -16.51
CA PRO C 86 -20.23 4.09 -16.92
C PRO C 86 -20.54 3.68 -18.35
N CYS C 87 -19.52 3.14 -19.02
CA CYS C 87 -19.71 2.58 -20.34
C CYS C 87 -20.32 1.19 -20.21
N VAL C 88 -20.51 0.52 -21.35
CA VAL C 88 -21.04 -0.83 -21.34
C VAL C 88 -20.10 -1.77 -20.61
N MET C 89 -18.78 -1.60 -20.81
CA MET C 89 -17.81 -2.49 -20.18
C MET C 89 -17.86 -2.38 -18.67
N CYS C 90 -17.82 -1.16 -18.15
CA CYS C 90 -17.72 -0.96 -16.72
C CYS C 90 -19.03 -1.30 -16.02
N ALA C 91 -20.16 -0.95 -16.62
CA ALA C 91 -21.44 -1.28 -16.03
C ALA C 91 -21.63 -2.79 -15.94
N GLY C 92 -21.20 -3.52 -16.97
CA GLY C 92 -21.24 -4.97 -16.89
C GLY C 92 -20.36 -5.53 -15.81
N ALA C 93 -19.21 -4.89 -15.57
CA ALA C 93 -18.33 -5.33 -14.49
C ALA C 93 -18.96 -5.10 -13.12
N MET C 94 -19.75 -4.04 -12.98
CA MET C 94 -20.39 -3.77 -11.69
C MET C 94 -21.39 -4.86 -11.32
N ILE C 95 -22.05 -5.45 -12.31
CA ILE C 95 -22.97 -6.55 -12.01
C ILE C 95 -22.20 -7.77 -11.55
N HIS C 96 -21.07 -8.03 -12.18
CA HIS C 96 -20.27 -9.22 -11.81
C HIS C 96 -19.70 -9.02 -10.41
N SER C 97 -19.25 -7.82 -10.10
CA SER C 97 -18.78 -7.53 -8.75
C SER C 97 -19.91 -7.43 -7.76
N ARG C 98 -21.15 -7.28 -8.24
CA ARG C 98 -22.34 -7.25 -7.41
C ARG C 98 -22.27 -6.13 -6.37
N ILE C 99 -21.82 -4.95 -6.80
CA ILE C 99 -21.78 -3.79 -5.91
C ILE C 99 -23.22 -3.36 -5.64
N GLY C 100 -23.42 -2.51 -4.64
CA GLY C 100 -24.75 -2.12 -4.24
C GLY C 100 -25.30 -0.91 -4.95
N ARG C 101 -24.42 -0.02 -5.40
CA ARG C 101 -24.86 1.23 -6.00
C ARG C 101 -23.70 1.83 -6.76
N VAL C 102 -24.02 2.54 -7.84
CA VAL C 102 -23.06 3.34 -8.58
C VAL C 102 -23.49 4.80 -8.50
N VAL C 103 -22.54 5.68 -8.19
CA VAL C 103 -22.79 7.10 -8.11
C VAL C 103 -21.89 7.78 -9.12
N PHE C 104 -22.46 8.36 -10.17
CA PHE C 104 -21.68 9.07 -11.17
C PHE C 104 -22.13 10.52 -11.26
N GLY C 105 -21.26 11.35 -11.82
CA GLY C 105 -21.53 12.78 -11.94
C GLY C 105 -22.23 13.18 -13.20
N VAL C 106 -21.48 13.40 -14.27
CA VAL C 106 -22.04 13.86 -15.53
C VAL C 106 -22.38 12.64 -16.40
N ARG C 107 -23.32 12.82 -17.31
CA ARG C 107 -23.80 11.73 -18.15
C ARG C 107 -23.06 11.71 -19.49
N ASN C 108 -22.96 10.52 -20.06
CA ASN C 108 -22.46 10.35 -21.43
C ASN C 108 -23.68 10.19 -22.31
N ALA C 109 -24.21 11.31 -22.80
CA ALA C 109 -25.43 11.27 -23.61
C ALA C 109 -25.23 10.50 -24.91
N LYS C 110 -23.98 10.28 -25.32
CA LYS C 110 -23.72 9.59 -26.57
C LYS C 110 -23.68 8.07 -26.37
N THR C 111 -22.88 7.58 -25.42
CA THR C 111 -22.68 6.14 -25.25
C THR C 111 -22.83 5.68 -23.80
N GLY C 112 -23.45 6.49 -22.94
CA GLY C 112 -23.59 6.08 -21.55
C GLY C 112 -24.48 4.85 -21.41
N ALA C 113 -24.06 3.94 -20.52
CA ALA C 113 -24.79 2.70 -20.29
C ALA C 113 -25.46 2.66 -18.92
N ALA C 114 -25.74 3.81 -18.33
CA ALA C 114 -26.42 3.89 -17.05
C ALA C 114 -27.60 4.85 -17.12
N GLY C 115 -28.30 4.88 -18.26
CA GLY C 115 -29.47 5.72 -18.41
C GLY C 115 -29.55 6.47 -19.71
N SER C 116 -28.40 6.78 -20.30
CA SER C 116 -28.36 7.56 -21.53
C SER C 116 -28.66 6.68 -22.74
N LEU C 117 -27.61 6.05 -23.31
CA LEU C 117 -27.83 5.16 -24.45
C LEU C 117 -28.56 3.89 -24.03
N MET C 118 -28.28 3.38 -22.83
CA MET C 118 -28.96 2.19 -22.33
C MET C 118 -28.86 2.18 -20.82
N ASP C 119 -29.48 1.17 -20.20
CA ASP C 119 -29.42 0.96 -18.74
C ASP C 119 -29.27 -0.54 -18.48
N VAL C 120 -28.04 -1.03 -18.60
CA VAL C 120 -27.80 -2.45 -18.36
C VAL C 120 -27.83 -2.79 -16.88
N LEU C 121 -27.65 -1.80 -15.99
CA LEU C 121 -27.64 -2.08 -14.57
C LEU C 121 -29.02 -2.40 -14.03
N HIS C 122 -30.05 -1.75 -14.56
CA HIS C 122 -31.43 -2.03 -14.18
C HIS C 122 -32.16 -2.86 -15.24
N HIS C 123 -31.40 -3.60 -16.04
CA HIS C 123 -31.99 -4.41 -17.08
C HIS C 123 -32.65 -5.64 -16.49
N PRO C 124 -33.86 -5.99 -16.91
CA PRO C 124 -34.49 -7.23 -16.45
C PRO C 124 -33.75 -8.44 -17.01
N GLY C 125 -33.59 -9.45 -16.17
CA GLY C 125 -32.85 -10.64 -16.54
C GLY C 125 -31.50 -10.75 -15.87
N MET C 126 -31.00 -9.66 -15.30
CA MET C 126 -29.72 -9.68 -14.63
C MET C 126 -29.84 -10.33 -13.26
N ASN C 127 -28.77 -11.01 -12.87
CA ASN C 127 -28.75 -11.71 -11.59
C ASN C 127 -28.67 -10.76 -10.41
N HIS C 128 -28.17 -9.54 -10.64
CA HIS C 128 -27.97 -8.55 -9.59
C HIS C 128 -28.42 -7.19 -10.09
N ARG C 129 -29.03 -6.42 -9.20
CA ARG C 129 -29.46 -5.06 -9.50
C ARG C 129 -28.56 -4.08 -8.77
N VAL C 130 -28.00 -3.13 -9.51
CA VAL C 130 -27.14 -2.09 -8.96
C VAL C 130 -27.92 -0.78 -9.00
N GLU C 131 -28.11 -0.17 -7.84
CA GLU C 131 -28.82 1.09 -7.76
C GLU C 131 -27.97 2.19 -8.38
N ILE C 132 -28.64 3.24 -8.86
CA ILE C 132 -27.98 4.30 -9.60
C ILE C 132 -28.30 5.64 -8.96
N THR C 133 -27.26 6.43 -8.70
CA THR C 133 -27.39 7.81 -8.23
C THR C 133 -26.51 8.67 -9.13
N GLU C 134 -27.07 9.77 -9.64
CA GLU C 134 -26.37 10.58 -10.63
C GLU C 134 -26.44 12.05 -10.26
N GLY C 135 -25.58 12.83 -10.93
CA GLY C 135 -25.59 14.27 -10.79
C GLY C 135 -24.66 14.83 -9.74
N ILE C 136 -23.94 13.98 -9.01
CA ILE C 136 -23.08 14.43 -7.92
C ILE C 136 -21.89 15.17 -8.51
N LEU C 137 -21.80 16.48 -8.25
CA LEU C 137 -20.72 17.33 -8.75
C LEU C 137 -20.59 17.24 -10.27
N ALA C 138 -21.74 17.29 -10.97
CA ALA C 138 -21.72 17.08 -12.40
C ALA C 138 -20.97 18.18 -13.14
N ASP C 139 -21.02 19.42 -12.64
CA ASP C 139 -20.37 20.52 -13.35
C ASP C 139 -18.85 20.37 -13.32
N GLU C 140 -18.29 19.83 -12.24
CA GLU C 140 -16.84 19.68 -12.16
C GLU C 140 -16.37 18.45 -12.94
N CYS C 141 -17.20 17.43 -13.03
CA CYS C 141 -16.86 16.29 -13.87
C CYS C 141 -16.97 16.65 -15.34
N GLU C 142 -17.97 17.47 -15.69
CA GLU C 142 -18.15 17.88 -17.08
C GLU C 142 -17.04 18.83 -17.53
N ALA C 143 -16.55 19.68 -16.63
CA ALA C 143 -15.51 20.63 -17.01
C ALA C 143 -14.25 19.92 -17.48
N LEU C 144 -13.90 18.82 -16.83
CA LEU C 144 -12.70 18.08 -17.21
C LEU C 144 -12.87 17.41 -18.57
N LEU C 145 -14.03 16.78 -18.78
CA LEU C 145 -14.23 16.04 -20.02
C LEU C 145 -14.49 16.96 -21.21
N CYS C 146 -15.14 18.10 -20.99
CA CYS C 146 -15.38 19.04 -22.08
C CYS C 146 -14.06 19.61 -22.59
N ARG C 147 -13.12 19.92 -21.69
CA ARG C 147 -11.83 20.42 -22.11
C ARG C 147 -11.01 19.34 -22.81
N PHE C 148 -11.19 18.08 -22.42
CA PHE C 148 -10.49 16.99 -23.09
C PHE C 148 -11.03 16.81 -24.51
N PHE C 149 -12.34 16.71 -24.65
CA PHE C 149 -12.97 16.50 -25.95
C PHE C 149 -13.09 17.77 -26.77
N ARG C 150 -12.59 18.90 -26.27
CA ARG C 150 -12.60 20.17 -26.99
C ARG C 150 -14.03 20.56 -27.37
N MET C 151 -14.88 20.63 -26.35
CA MET C 151 -16.31 20.87 -26.47
C MET C 151 -16.73 21.96 -25.49
N PRO C 152 -17.73 22.76 -25.85
CA PRO C 152 -18.21 23.79 -24.93
C PRO C 152 -18.88 23.17 -23.71
N ARG C 153 -18.84 23.90 -22.60
CA ARG C 153 -19.35 23.42 -21.34
C ARG C 153 -20.79 23.88 -21.12
N ARG C 154 -21.50 23.12 -20.29
CA ARG C 154 -22.85 23.47 -19.84
C ARG C 154 -23.80 23.61 -21.04
N VAL C 155 -23.83 22.57 -21.86
CA VAL C 155 -24.76 22.49 -22.99
C VAL C 155 -25.76 21.41 -22.64
N PHE C 156 -27.01 21.82 -22.44
CA PHE C 156 -28.11 20.97 -21.95
C PHE C 156 -28.08 19.54 -22.49
N GLU D 3 -9.32 -29.02 -37.43
CA GLU D 3 -9.61 -29.36 -38.81
C GLU D 3 -8.66 -28.63 -39.76
N VAL D 4 -9.24 -27.88 -40.71
CA VAL D 4 -8.42 -27.10 -41.62
C VAL D 4 -7.64 -26.05 -40.86
N GLU D 5 -6.38 -25.85 -41.23
CA GLU D 5 -5.54 -24.89 -40.54
C GLU D 5 -6.07 -23.47 -40.72
N PHE D 6 -5.95 -22.67 -39.67
CA PHE D 6 -6.34 -21.26 -39.66
C PHE D 6 -7.84 -21.06 -39.90
N SER D 7 -8.63 -22.12 -39.70
CA SER D 7 -10.08 -22.02 -39.78
C SER D 7 -10.66 -21.79 -38.40
N HIS D 8 -11.97 -21.53 -38.37
CA HIS D 8 -12.63 -21.24 -37.11
C HIS D 8 -12.54 -22.41 -36.14
N GLU D 9 -12.65 -23.64 -36.65
CA GLU D 9 -12.52 -24.81 -35.78
C GLU D 9 -11.10 -25.00 -35.29
N TYR D 10 -10.13 -24.59 -36.10
CA TYR D 10 -8.73 -24.67 -35.68
C TYR D 10 -8.49 -23.81 -34.45
N TRP D 11 -8.95 -22.56 -34.49
CA TRP D 11 -8.73 -21.65 -33.37
C TRP D 11 -9.65 -21.94 -32.20
N MET D 12 -10.88 -22.37 -32.47
CA MET D 12 -11.79 -22.70 -31.36
C MET D 12 -11.28 -23.87 -30.54
N ARG D 13 -10.57 -24.81 -31.17
CA ARG D 13 -9.92 -25.88 -30.42
C ARG D 13 -8.86 -25.31 -29.48
N HIS D 14 -8.18 -24.24 -29.90
CA HIS D 14 -7.23 -23.57 -29.01
C HIS D 14 -7.96 -22.92 -27.84
N ALA D 15 -9.09 -22.26 -28.11
CA ALA D 15 -9.88 -21.68 -27.04
C ALA D 15 -10.47 -22.74 -26.13
N LEU D 16 -10.77 -23.92 -26.66
CA LEU D 16 -11.28 -25.00 -25.82
C LEU D 16 -10.22 -25.55 -24.87
N ALA D 17 -8.96 -25.58 -25.30
CA ALA D 17 -7.90 -26.04 -24.42
C ALA D 17 -7.71 -25.07 -23.25
N LEU D 18 -7.85 -23.78 -23.51
CA LEU D 18 -7.72 -22.79 -22.43
C LEU D 18 -8.88 -22.88 -21.46
N ALA D 19 -10.06 -23.30 -21.94
CA ALA D 19 -11.20 -23.48 -21.06
C ALA D 19 -10.98 -24.63 -20.08
N LYS D 20 -10.19 -25.63 -20.47
CA LYS D 20 -9.90 -26.73 -19.54
C LYS D 20 -9.02 -26.27 -18.39
N ARG D 21 -8.19 -25.23 -18.61
CA ARG D 21 -7.41 -24.69 -17.51
C ARG D 21 -8.30 -24.00 -16.49
N ALA D 22 -9.28 -23.22 -16.97
CA ALA D 22 -10.28 -22.69 -16.06
C ALA D 22 -11.05 -23.82 -15.40
N ARG D 23 -11.24 -24.92 -16.10
CA ARG D 23 -11.94 -26.07 -15.48
C ARG D 23 -11.06 -26.66 -14.39
N ASP D 24 -9.76 -26.78 -14.66
CA ASP D 24 -8.86 -27.33 -13.66
C ASP D 24 -8.73 -26.40 -12.45
N GLU D 25 -8.87 -25.10 -12.67
CA GLU D 25 -8.78 -24.11 -11.60
C GLU D 25 -10.10 -23.83 -10.93
N ARG D 26 -11.09 -24.72 -11.09
CA ARG D 26 -12.39 -24.60 -10.42
C ARG D 26 -13.11 -23.30 -10.79
N GLU D 27 -12.88 -22.81 -12.00
CA GLU D 27 -13.55 -21.62 -12.51
C GLU D 27 -14.54 -22.04 -13.58
N VAL D 28 -15.29 -21.05 -14.09
CA VAL D 28 -16.20 -21.28 -15.21
C VAL D 28 -15.36 -21.71 -16.41
N PRO D 29 -15.62 -22.86 -16.99
CA PRO D 29 -14.72 -23.37 -18.03
C PRO D 29 -14.84 -22.60 -19.34
N VAL D 30 -14.30 -21.38 -19.37
CA VAL D 30 -14.33 -20.55 -20.58
C VAL D 30 -12.90 -20.14 -20.92
N GLY D 31 -12.53 -20.31 -22.19
CA GLY D 31 -11.24 -19.90 -22.67
C GLY D 31 -11.39 -19.03 -23.91
N ALA D 32 -10.36 -18.23 -24.17
CA ALA D 32 -10.41 -17.28 -25.27
C ALA D 32 -9.02 -17.13 -25.89
N VAL D 33 -8.99 -16.94 -27.20
CA VAL D 33 -7.75 -16.75 -27.94
C VAL D 33 -7.94 -15.61 -28.94
N LEU D 34 -7.01 -14.66 -28.94
CA LEU D 34 -7.06 -13.51 -29.84
C LEU D 34 -6.11 -13.75 -31.01
N VAL D 35 -6.64 -13.64 -32.22
CA VAL D 35 -5.92 -13.98 -33.45
C VAL D 35 -5.83 -12.75 -34.34
N LEU D 36 -4.64 -12.47 -34.85
CA LEU D 36 -4.41 -11.39 -35.81
C LEU D 36 -3.48 -11.90 -36.88
N ASN D 37 -3.96 -11.92 -38.13
CA ASN D 37 -3.20 -12.46 -39.26
C ASN D 37 -2.76 -13.89 -38.99
N ASN D 38 -3.68 -14.70 -38.46
CA ASN D 38 -3.45 -16.11 -38.18
C ASN D 38 -2.31 -16.32 -37.20
N ARG D 39 -2.11 -15.37 -36.30
CA ARG D 39 -1.13 -15.48 -35.23
C ARG D 39 -1.81 -15.12 -33.92
N VAL D 40 -1.48 -15.86 -32.86
CA VAL D 40 -2.04 -15.62 -31.54
C VAL D 40 -1.33 -14.43 -30.91
N ILE D 41 -2.10 -13.40 -30.55
CA ILE D 41 -1.59 -12.24 -29.83
C ILE D 41 -2.15 -12.14 -28.43
N GLY D 42 -3.07 -13.03 -28.04
CA GLY D 42 -3.65 -12.97 -26.72
C GLY D 42 -4.35 -14.26 -26.32
N GLU D 43 -4.19 -14.65 -25.07
CA GLU D 43 -4.83 -15.84 -24.52
C GLU D 43 -5.50 -15.50 -23.20
N GLY D 44 -6.47 -16.31 -22.82
CA GLY D 44 -7.16 -16.08 -21.57
C GLY D 44 -8.13 -17.17 -21.17
N TRP D 45 -8.37 -17.28 -19.87
CA TRP D 45 -9.42 -18.14 -19.35
C TRP D 45 -9.91 -17.52 -18.05
N ASN D 46 -11.06 -17.99 -17.58
CA ASN D 46 -11.67 -17.42 -16.39
C ASN D 46 -10.78 -17.66 -15.17
N ARG D 47 -10.35 -16.55 -14.53
CA ARG D 47 -9.49 -16.62 -13.36
C ARG D 47 -9.96 -15.67 -12.26
N GLY D 48 -11.25 -15.37 -12.24
CA GLY D 48 -11.75 -14.34 -11.34
C GLY D 48 -11.63 -14.72 -9.88
N ILE D 49 -11.86 -15.99 -9.55
CA ILE D 49 -11.81 -16.40 -8.15
C ILE D 49 -10.40 -16.35 -7.61
N GLY D 50 -9.43 -16.82 -8.38
CA GLY D 50 -8.05 -16.89 -7.94
C GLY D 50 -7.32 -15.57 -7.90
N LEU D 51 -7.60 -14.69 -8.86
CA LEU D 51 -6.94 -13.39 -8.95
C LEU D 51 -7.66 -12.31 -8.17
N HIS D 52 -8.79 -12.64 -7.53
CA HIS D 52 -9.63 -11.66 -6.84
C HIS D 52 -9.99 -10.52 -7.78
N ASP D 53 -10.27 -10.86 -9.03
CA ASP D 53 -10.56 -9.90 -10.09
C ASP D 53 -11.94 -10.18 -10.65
N PRO D 54 -12.93 -9.33 -10.39
CA PRO D 54 -14.27 -9.58 -10.95
C PRO D 54 -14.34 -9.45 -12.46
N THR D 55 -13.32 -8.89 -13.10
CA THR D 55 -13.30 -8.68 -14.54
C THR D 55 -12.44 -9.68 -15.29
N ALA D 56 -11.90 -10.68 -14.59
CA ALA D 56 -10.94 -11.60 -15.21
C ALA D 56 -11.62 -12.71 -16.00
N HIS D 57 -12.56 -12.34 -16.88
CA HIS D 57 -13.15 -13.32 -17.76
C HIS D 57 -12.15 -13.70 -18.85
N ALA D 58 -12.46 -14.79 -19.56
CA ALA D 58 -11.54 -15.30 -20.58
C ALA D 58 -11.31 -14.26 -21.66
N GLU D 59 -12.36 -13.57 -22.09
CA GLU D 59 -12.22 -12.57 -23.14
C GLU D 59 -11.39 -11.38 -22.69
N ILE D 60 -11.57 -10.95 -21.44
CA ILE D 60 -10.84 -9.80 -20.93
C ILE D 60 -9.35 -10.11 -20.83
N MET D 61 -9.01 -11.27 -20.27
CA MET D 61 -7.60 -11.61 -20.09
C MET D 61 -6.89 -11.74 -21.45
N ALA D 62 -7.61 -12.18 -22.47
CA ALA D 62 -7.01 -12.26 -23.81
C ALA D 62 -6.86 -10.88 -24.42
N LEU D 63 -7.84 -9.99 -24.22
CA LEU D 63 -7.75 -8.65 -24.78
C LEU D 63 -6.65 -7.85 -24.12
N ARG D 64 -6.55 -7.92 -22.78
CA ARG D 64 -5.49 -7.24 -22.08
C ARG D 64 -4.13 -7.73 -22.55
N GLN D 65 -3.98 -9.03 -22.75
CA GLN D 65 -2.72 -9.57 -23.23
C GLN D 65 -2.43 -9.10 -24.66
N GLY D 66 -3.47 -9.01 -25.49
CA GLY D 66 -3.26 -8.53 -26.85
C GLY D 66 -2.80 -7.09 -26.89
N GLY D 67 -3.32 -6.26 -25.98
CA GLY D 67 -2.89 -4.86 -25.96
C GLY D 67 -1.44 -4.72 -25.56
N LEU D 68 -0.96 -5.57 -24.65
CA LEU D 68 0.45 -5.55 -24.28
C LEU D 68 1.32 -6.04 -25.42
N VAL D 69 0.90 -7.12 -26.09
CA VAL D 69 1.69 -7.68 -27.17
C VAL D 69 1.82 -6.68 -28.32
N MET D 70 0.75 -5.95 -28.61
CA MET D 70 0.77 -4.95 -29.66
C MET D 70 1.23 -3.58 -29.19
N GLN D 71 1.41 -3.39 -27.89
CA GLN D 71 1.74 -2.08 -27.32
C GLN D 71 0.75 -1.03 -27.83
N ASN D 72 -0.52 -1.40 -27.79
CA ASN D 72 -1.59 -0.54 -28.29
C ASN D 72 -2.91 -1.04 -27.72
N TYR D 73 -3.69 -0.12 -27.13
CA TYR D 73 -4.99 -0.51 -26.59
C TYR D 73 -6.07 -0.62 -27.65
N ARG D 74 -5.79 -0.26 -28.89
CA ARG D 74 -6.70 -0.48 -30.01
C ARG D 74 -6.22 -1.71 -30.77
N LEU D 75 -7.12 -2.68 -30.95
CA LEU D 75 -6.74 -3.94 -31.57
C LEU D 75 -7.53 -4.17 -32.85
N TYR D 76 -7.36 -3.27 -33.84
CA TYR D 76 -8.13 -3.35 -35.06
C TYR D 76 -7.85 -4.64 -35.80
N ASP D 77 -8.85 -5.11 -36.56
CA ASP D 77 -8.75 -6.22 -37.48
C ASP D 77 -8.37 -7.54 -36.82
N ALA D 78 -8.44 -7.62 -35.49
CA ALA D 78 -8.19 -8.87 -34.81
C ALA D 78 -9.49 -9.66 -34.67
N THR D 79 -9.36 -10.97 -34.47
CA THR D 79 -10.49 -11.85 -34.29
C THR D 79 -10.36 -12.57 -32.95
N LEU D 80 -11.39 -12.45 -32.11
CA LEU D 80 -11.42 -13.08 -30.80
C LEU D 80 -12.30 -14.32 -30.83
N TYR D 81 -11.73 -15.44 -30.42
CA TYR D 81 -12.47 -16.70 -30.26
C TYR D 81 -12.74 -16.92 -28.78
N THR D 82 -13.98 -17.29 -28.45
CA THR D 82 -14.34 -17.60 -27.08
C THR D 82 -15.30 -18.79 -27.09
N THR D 83 -15.19 -19.63 -26.06
CA THR D 83 -16.05 -20.80 -25.99
C THR D 83 -17.47 -20.47 -25.54
N PHE D 84 -17.67 -19.30 -24.95
CA PHE D 84 -18.95 -18.90 -24.38
C PHE D 84 -19.35 -17.54 -24.94
N GLU D 85 -20.65 -17.34 -25.08
CA GLU D 85 -21.16 -16.06 -25.53
C GLU D 85 -20.72 -14.96 -24.57
N PRO D 86 -20.17 -13.84 -25.06
CA PRO D 86 -19.66 -12.81 -24.15
C PRO D 86 -20.76 -12.15 -23.34
N CYS D 87 -20.40 -11.78 -22.11
CA CYS D 87 -21.29 -11.01 -21.25
C CYS D 87 -21.27 -9.53 -21.65
N VAL D 88 -22.00 -8.72 -20.88
CA VAL D 88 -22.01 -7.27 -21.11
C VAL D 88 -20.62 -6.69 -20.94
N MET D 89 -19.90 -7.15 -19.91
CA MET D 89 -18.58 -6.62 -19.63
C MET D 89 -17.60 -6.92 -20.76
N CYS D 90 -17.57 -8.17 -21.22
CA CYS D 90 -16.59 -8.55 -22.24
C CYS D 90 -16.94 -7.95 -23.59
N ALA D 91 -18.22 -7.92 -23.95
CA ALA D 91 -18.61 -7.32 -25.22
C ALA D 91 -18.26 -5.84 -25.26
N GLY D 92 -18.46 -5.13 -24.15
CA GLY D 92 -18.07 -3.74 -24.10
C GLY D 92 -16.58 -3.53 -24.28
N ALA D 93 -15.77 -4.48 -23.80
CA ALA D 93 -14.33 -4.40 -23.99
C ALA D 93 -13.96 -4.59 -25.46
N MET D 94 -14.73 -5.41 -26.18
CA MET D 94 -14.46 -5.62 -27.60
C MET D 94 -14.68 -4.35 -28.41
N ILE D 95 -15.64 -3.51 -28.01
CA ILE D 95 -15.86 -2.26 -28.72
C ILE D 95 -14.72 -1.30 -28.46
N HIS D 96 -14.23 -1.22 -27.22
CA HIS D 96 -13.16 -0.31 -26.89
C HIS D 96 -11.86 -0.72 -27.55
N SER D 97 -11.59 -2.03 -27.64
CA SER D 97 -10.42 -2.52 -28.34
C SER D 97 -10.59 -2.45 -29.86
N ARG D 98 -11.83 -2.28 -30.35
CA ARG D 98 -12.11 -2.11 -31.77
C ARG D 98 -11.64 -3.31 -32.59
N ILE D 99 -11.90 -4.50 -32.08
CA ILE D 99 -11.55 -5.74 -32.78
C ILE D 99 -12.46 -5.91 -33.99
N GLY D 100 -12.11 -6.86 -34.86
CA GLY D 100 -12.85 -7.06 -36.09
C GLY D 100 -14.00 -8.03 -35.98
N ARG D 101 -13.84 -9.09 -35.19
CA ARG D 101 -14.88 -10.12 -35.12
C ARG D 101 -14.68 -10.96 -33.86
N VAL D 102 -15.79 -11.33 -33.23
CA VAL D 102 -15.80 -12.30 -32.13
C VAL D 102 -16.41 -13.59 -32.67
N VAL D 103 -15.76 -14.71 -32.36
CA VAL D 103 -16.23 -16.03 -32.75
C VAL D 103 -16.46 -16.82 -31.47
N PHE D 104 -17.72 -17.14 -31.16
CA PHE D 104 -17.99 -17.93 -29.96
C PHE D 104 -18.71 -19.22 -30.31
N GLY D 105 -18.63 -20.17 -29.39
CA GLY D 105 -19.23 -21.48 -29.60
C GLY D 105 -20.66 -21.55 -29.13
N VAL D 106 -20.86 -21.80 -27.84
CA VAL D 106 -22.20 -21.98 -27.29
C VAL D 106 -22.72 -20.63 -26.81
N ARG D 107 -24.06 -20.51 -26.75
CA ARG D 107 -24.74 -19.28 -26.40
C ARG D 107 -25.11 -19.27 -24.92
N ASN D 108 -25.18 -18.06 -24.35
CA ASN D 108 -25.68 -17.86 -22.99
C ASN D 108 -27.11 -17.35 -23.14
N ALA D 109 -28.07 -18.29 -23.19
CA ALA D 109 -29.46 -17.92 -23.39
C ALA D 109 -30.03 -17.08 -22.27
N LYS D 110 -29.40 -17.07 -21.09
CA LYS D 110 -29.92 -16.32 -19.95
C LYS D 110 -29.49 -14.86 -19.96
N THR D 111 -28.18 -14.61 -20.10
CA THR D 111 -27.64 -13.26 -19.97
C THR D 111 -26.71 -12.89 -21.12
N GLY D 112 -26.78 -13.61 -22.24
CA GLY D 112 -25.87 -13.33 -23.34
C GLY D 112 -26.06 -11.93 -23.89
N ALA D 113 -24.93 -11.26 -24.17
CA ALA D 113 -24.94 -9.90 -24.68
C ALA D 113 -24.47 -9.81 -26.12
N ALA D 114 -24.56 -10.90 -26.87
CA ALA D 114 -24.21 -10.91 -28.28
C ALA D 114 -25.33 -11.55 -29.10
N GLY D 115 -26.58 -11.32 -28.69
CA GLY D 115 -27.71 -11.83 -29.42
C GLY D 115 -28.80 -12.41 -28.55
N SER D 116 -28.44 -12.94 -27.38
CA SER D 116 -29.41 -13.59 -26.52
C SER D 116 -30.24 -12.57 -25.74
N LEU D 117 -29.74 -12.14 -24.58
CA LEU D 117 -30.46 -11.14 -23.80
C LEU D 117 -30.43 -9.77 -24.47
N MET D 118 -29.35 -9.45 -25.15
CA MET D 118 -29.22 -8.20 -25.89
C MET D 118 -28.13 -8.37 -26.94
N ASP D 119 -27.89 -7.31 -27.70
CA ASP D 119 -26.81 -7.30 -28.69
C ASP D 119 -26.11 -5.93 -28.60
N VAL D 120 -25.22 -5.81 -27.62
CA VAL D 120 -24.49 -4.57 -27.45
C VAL D 120 -23.41 -4.38 -28.51
N LEU D 121 -22.97 -5.47 -29.16
CA LEU D 121 -21.92 -5.34 -30.17
C LEU D 121 -22.45 -4.72 -31.45
N HIS D 122 -23.68 -5.08 -31.83
CA HIS D 122 -24.33 -4.51 -33.01
C HIS D 122 -25.41 -3.50 -32.63
N HIS D 123 -25.29 -2.90 -31.45
CA HIS D 123 -26.27 -1.93 -31.00
C HIS D 123 -26.11 -0.61 -31.78
N PRO D 124 -27.20 0.01 -32.19
CA PRO D 124 -27.11 1.31 -32.85
C PRO D 124 -26.65 2.40 -31.90
N GLY D 125 -25.79 3.28 -32.40
CA GLY D 125 -25.23 4.38 -31.66
C GLY D 125 -23.78 4.20 -31.28
N MET D 126 -23.25 2.99 -31.29
CA MET D 126 -21.84 2.78 -30.99
C MET D 126 -21.00 3.03 -32.24
N ASN D 127 -19.79 3.53 -32.02
CA ASN D 127 -18.92 3.93 -33.12
C ASN D 127 -18.35 2.76 -33.90
N HIS D 128 -18.31 1.57 -33.32
CA HIS D 128 -17.63 0.44 -33.93
C HIS D 128 -18.53 -0.79 -33.90
N ARG D 129 -18.50 -1.54 -35.00
CA ARG D 129 -19.27 -2.78 -35.15
C ARG D 129 -18.32 -3.97 -35.11
N VAL D 130 -18.64 -4.94 -34.26
CA VAL D 130 -17.87 -6.16 -34.13
C VAL D 130 -18.66 -7.28 -34.78
N GLU D 131 -18.07 -7.93 -35.78
CA GLU D 131 -18.76 -9.02 -36.45
C GLU D 131 -18.88 -10.22 -35.53
N ILE D 132 -19.91 -11.03 -35.76
CA ILE D 132 -20.26 -12.12 -34.87
C ILE D 132 -20.36 -13.41 -35.68
N THR D 133 -19.65 -14.44 -35.22
CA THR D 133 -19.75 -15.79 -35.75
C THR D 133 -19.96 -16.74 -34.58
N GLU D 134 -20.96 -17.61 -34.68
CA GLU D 134 -21.31 -18.47 -33.56
C GLU D 134 -21.49 -19.91 -34.03
N GLY D 135 -21.50 -20.82 -33.07
CA GLY D 135 -21.75 -22.21 -33.34
C GLY D 135 -20.51 -23.03 -33.60
N ILE D 136 -19.33 -22.40 -33.60
CA ILE D 136 -18.10 -23.14 -33.87
C ILE D 136 -17.84 -24.07 -32.68
N LEU D 137 -17.92 -25.40 -32.92
CA LEU D 137 -17.69 -26.43 -31.88
C LEU D 137 -18.60 -26.24 -30.68
N ALA D 138 -19.90 -26.05 -30.94
CA ALA D 138 -20.86 -25.73 -29.87
C ALA D 138 -21.10 -26.89 -28.90
N ASP D 139 -20.93 -28.10 -29.38
CA ASP D 139 -21.22 -29.26 -28.52
C ASP D 139 -20.07 -29.48 -27.53
N GLU D 140 -18.86 -29.08 -27.92
CA GLU D 140 -17.68 -29.29 -27.06
C GLU D 140 -17.61 -28.14 -26.06
N CYS D 141 -18.13 -26.96 -26.42
CA CYS D 141 -18.18 -25.89 -25.45
C CYS D 141 -19.32 -26.12 -24.46
N GLU D 142 -20.41 -26.71 -24.95
CA GLU D 142 -21.58 -26.96 -24.12
C GLU D 142 -21.29 -28.01 -23.07
N ALA D 143 -20.49 -29.03 -23.42
CA ALA D 143 -20.21 -30.11 -22.48
C ALA D 143 -19.51 -29.59 -21.24
N LEU D 144 -18.59 -28.64 -21.41
CA LEU D 144 -17.85 -28.11 -20.27
C LEU D 144 -18.76 -27.33 -19.33
N LEU D 145 -19.62 -26.49 -19.87
CA LEU D 145 -20.50 -25.67 -19.04
C LEU D 145 -21.63 -26.48 -18.44
N CYS D 146 -22.10 -27.52 -19.15
CA CYS D 146 -23.16 -28.35 -18.59
C CYS D 146 -22.69 -29.06 -17.33
N ARG D 147 -21.45 -29.56 -17.33
CA ARG D 147 -20.92 -30.19 -16.13
C ARG D 147 -20.60 -29.17 -15.05
N PHE D 148 -20.20 -27.95 -15.42
CA PHE D 148 -19.93 -26.93 -14.41
C PHE D 148 -21.21 -26.50 -13.72
N PHE D 149 -22.23 -26.13 -14.49
CA PHE D 149 -23.49 -25.69 -13.91
C PHE D 149 -24.37 -26.84 -13.48
N ARG D 150 -23.91 -28.09 -13.64
CA ARG D 150 -24.65 -29.26 -13.20
C ARG D 150 -26.03 -29.31 -13.84
N MET D 151 -26.04 -29.28 -15.16
CA MET D 151 -27.24 -29.24 -15.98
C MET D 151 -27.15 -30.29 -17.08
N PRO D 152 -28.26 -30.89 -17.46
CA PRO D 152 -28.23 -31.84 -18.58
C PRO D 152 -27.95 -31.14 -19.89
N ARG D 153 -27.35 -31.88 -20.83
CA ARG D 153 -27.00 -31.31 -22.12
C ARG D 153 -28.23 -30.87 -22.93
N ARG D 154 -29.40 -31.41 -22.61
CA ARG D 154 -30.64 -30.98 -23.24
C ARG D 154 -31.29 -29.81 -22.53
N VAL D 155 -30.52 -29.05 -21.75
CA VAL D 155 -30.99 -27.84 -21.11
C VAL D 155 -30.25 -26.67 -21.74
N PHE D 156 -30.02 -26.76 -23.05
CA PHE D 156 -29.28 -25.75 -23.79
C PHE D 156 -29.96 -24.38 -23.73
#